data_8CAL
#
_entry.id   8CAL
#
_cell.length_a   127.241
_cell.length_b   127.241
_cell.length_c   71.888
_cell.angle_alpha   90.000
_cell.angle_beta   90.000
_cell.angle_gamma   120.000
#
_symmetry.space_group_name_H-M   'P 3 2 1'
#
loop_
_entity.id
_entity.type
_entity.pdbx_description
1 polymer 'Putative ferric reductase'
2 non-polymer 'FLAVIN-ADENINE DINUCLEOTIDE'
3 non-polymer 'DIMETHYL SULFOXIDE'
4 non-polymer 3-[(2~{R})-3-carbazol-9-yl-2-oxidanyl-propyl]-4-oxidanylidene-phthalazine-1-carboxamide
5 water water
#
_entity_poly.entity_id   1
_entity_poly.type   'polypeptide(L)'
_entity_poly.pdbx_seq_one_letter_code
;GSEPTFVVNASLLPSKVLGLQVQRPQSFNYQPGDYLFIKCPGISKFEWHPFTISSAPEMPDVLTLHIRAVGSWTGKLYQL
IREQREEWIRSGSSQSLPGVPVYIDGPYGTPSTHIFESKYAILICAGIGVTPFASILKSILHRNQQNPAKMPLKKVHFYW
LNREQKAFEWFVELLSKIEAEDTNNLFDLNLYLTGAQQKSDMKSSTLFVAMDLMHQETKVDLITGLKSRTKTGRPDWEEI
FKDVAKQHAPDNVEVFFCGPTGLALQLRHLCTKYGFGYRKENF
;
_entity_poly.pdbx_strand_id   A
#
loop_
_chem_comp.id
_chem_comp.type
_chem_comp.name
_chem_comp.formula
DMS non-polymer 'DIMETHYL SULFOXIDE' 'C2 H6 O S'
FAD non-polymer 'FLAVIN-ADENINE DINUCLEOTIDE' 'C27 H33 N9 O15 P2'
U45 non-polymer 3-[(2~{R})-3-carbazol-9-yl-2-oxidanyl-propyl]-4-oxidanylidene-phthalazine-1-carboxamide 'C24 H20 N4 O3'
#
# COMPACT_ATOMS: atom_id res chain seq x y z
N SER A 2 10.70 -14.75 14.20
CA SER A 2 9.41 -15.34 14.60
C SER A 2 8.94 -14.70 15.91
N GLU A 3 7.70 -14.20 15.91
CA GLU A 3 6.88 -13.90 17.11
C GLU A 3 5.59 -14.68 16.91
N PRO A 4 5.11 -15.52 17.88
CA PRO A 4 3.72 -16.01 17.88
C PRO A 4 2.80 -14.82 18.20
N THR A 5 1.89 -14.47 17.30
CA THR A 5 0.93 -13.36 17.49
C THR A 5 -0.41 -13.71 16.86
N PHE A 6 -1.32 -12.75 16.74
CA PHE A 6 -2.75 -13.03 16.41
C PHE A 6 -3.29 -12.02 15.42
N VAL A 7 -4.06 -12.52 14.46
CA VAL A 7 -5.09 -11.71 13.75
C VAL A 7 -6.25 -11.48 14.73
N VAL A 8 -6.36 -10.25 15.24
CA VAL A 8 -7.38 -9.80 16.23
C VAL A 8 -8.63 -9.27 15.52
N ASN A 9 -8.54 -8.94 14.22
CA ASN A 9 -9.70 -8.40 13.46
C ASN A 9 -9.38 -8.43 11.95
N ALA A 10 -10.39 -8.20 11.11
CA ALA A 10 -10.26 -8.28 9.66
C ALA A 10 -11.42 -7.55 9.01
N SER A 11 -11.21 -6.97 7.82
CA SER A 11 -12.29 -6.40 7.02
C SER A 11 -12.37 -7.21 5.75
N LEU A 12 -13.57 -7.34 5.16
CA LEU A 12 -13.75 -8.06 3.87
C LEU A 12 -14.15 -7.00 2.85
N LEU A 13 -13.22 -6.70 1.95
CA LEU A 13 -13.22 -5.53 1.07
C LEU A 13 -13.40 -6.05 -0.33
N PRO A 14 -13.87 -5.23 -1.28
CA PRO A 14 -14.14 -5.71 -2.63
C PRO A 14 -12.92 -6.39 -3.26
N SER A 15 -13.18 -7.13 -4.33
CA SER A 15 -12.20 -7.89 -5.15
C SER A 15 -11.42 -8.90 -4.26
N LYS A 16 -12.11 -9.48 -3.29
CA LYS A 16 -11.66 -10.56 -2.39
C LYS A 16 -10.41 -10.12 -1.65
N VAL A 17 -10.47 -9.01 -0.93
CA VAL A 17 -9.29 -8.53 -0.17
C VAL A 17 -9.58 -8.62 1.33
N LEU A 18 -8.59 -9.07 2.09
CA LEU A 18 -8.61 -9.15 3.57
C LEU A 18 -7.85 -7.95 4.15
N GLY A 19 -8.55 -7.12 4.90
CA GLY A 19 -7.96 -6.04 5.70
C GLY A 19 -7.67 -6.57 7.07
N LEU A 20 -6.55 -7.26 7.20
CA LEU A 20 -6.12 -7.96 8.42
C LEU A 20 -5.58 -6.97 9.45
N GLN A 21 -5.92 -7.19 10.71
CA GLN A 21 -5.25 -6.49 11.84
C GLN A 21 -4.53 -7.52 12.70
N VAL A 22 -3.25 -7.27 12.90
CA VAL A 22 -2.34 -8.21 13.59
C VAL A 22 -1.75 -7.50 14.79
N GLN A 23 -1.85 -8.15 15.95
CA GLN A 23 -1.31 -7.62 17.21
C GLN A 23 0.19 -7.35 16.95
N ARG A 24 0.65 -6.13 17.14
CA ARG A 24 2.06 -5.74 16.98
C ARG A 24 2.82 -6.10 18.25
N PRO A 25 3.84 -7.00 18.19
CA PRO A 25 4.68 -7.29 19.34
C PRO A 25 5.42 -6.07 19.91
N GLN A 26 5.70 -6.05 21.22
CA GLN A 26 6.23 -4.86 21.96
C GLN A 26 7.52 -4.42 21.26
N SER A 27 8.28 -5.35 20.70
CA SER A 27 9.64 -5.11 20.19
C SER A 27 9.63 -4.62 18.73
N PHE A 28 8.56 -4.87 17.96
CA PHE A 28 8.56 -4.88 16.47
C PHE A 28 8.48 -3.46 15.87
N ASN A 29 9.61 -2.90 15.47
CA ASN A 29 9.71 -1.58 14.82
C ASN A 29 9.84 -1.82 13.32
N TYR A 30 9.16 -1.01 12.53
CA TYR A 30 9.22 -1.04 11.06
C TYR A 30 9.23 0.39 10.58
N GLN A 31 9.54 0.50 9.30
CA GLN A 31 9.42 1.72 8.48
C GLN A 31 8.40 1.51 7.37
N PRO A 32 7.81 2.63 6.91
CA PRO A 32 6.81 2.57 5.85
C PRO A 32 7.48 2.08 4.57
N GLY A 33 6.93 1.00 3.98
CA GLY A 33 7.44 0.33 2.76
C GLY A 33 7.95 -1.06 3.09
N ASP A 34 8.19 -1.32 4.38
CA ASP A 34 8.62 -2.65 4.90
C ASP A 34 7.53 -3.69 4.65
N TYR A 35 7.97 -4.92 4.44
CA TYR A 35 7.08 -6.10 4.37
C TYR A 35 7.50 -7.06 5.49
N LEU A 36 6.66 -8.07 5.66
CA LEU A 36 7.01 -9.21 6.55
C LEU A 36 6.62 -10.51 5.87
N PHE A 37 7.16 -11.63 6.38
CA PHE A 37 6.67 -12.98 6.00
C PHE A 37 5.73 -13.45 7.09
N ILE A 38 4.67 -14.12 6.71
CA ILE A 38 3.64 -14.56 7.68
C ILE A 38 3.36 -16.05 7.46
N LYS A 39 3.19 -16.76 8.56
CA LYS A 39 2.81 -18.19 8.55
C LYS A 39 1.53 -18.30 9.35
N CYS A 40 0.54 -19.00 8.79
CA CYS A 40 -0.76 -19.24 9.46
C CYS A 40 -0.90 -20.75 9.60
N PRO A 41 -0.52 -21.33 10.76
CA PRO A 41 -0.62 -22.79 10.99
C PRO A 41 -1.97 -23.41 10.60
N GLY A 42 -3.06 -22.65 10.79
CA GLY A 42 -4.40 -23.09 10.40
C GLY A 42 -4.50 -23.33 8.90
N ILE A 43 -3.61 -22.75 8.09
CA ILE A 43 -3.61 -22.89 6.60
C ILE A 43 -2.50 -23.86 6.16
N SER A 44 -1.30 -23.70 6.71
CA SER A 44 -0.09 -24.48 6.38
C SER A 44 0.86 -24.31 7.56
N LYS A 45 1.35 -25.41 8.09
CA LYS A 45 2.23 -25.38 9.28
C LYS A 45 3.56 -24.79 8.79
N PHE A 46 3.80 -24.79 7.47
CA PHE A 46 5.19 -24.72 6.92
C PHE A 46 5.42 -23.55 5.94
N GLU A 47 4.39 -23.05 5.23
CA GLU A 47 4.52 -22.03 4.17
C GLU A 47 4.56 -20.63 4.80
N TRP A 48 5.55 -19.82 4.43
CA TRP A 48 5.63 -18.38 4.71
C TRP A 48 5.34 -17.59 3.43
N HIS A 49 4.47 -16.59 3.50
CA HIS A 49 4.17 -15.66 2.38
C HIS A 49 4.44 -14.22 2.82
N PRO A 50 5.03 -13.44 1.90
CA PRO A 50 5.35 -12.04 2.19
C PRO A 50 4.17 -11.09 1.90
N PHE A 51 3.95 -10.16 2.81
CA PHE A 51 2.94 -9.11 2.61
C PHE A 51 3.53 -7.80 3.12
N THR A 52 3.28 -6.74 2.36
CA THR A 52 3.59 -5.35 2.76
C THR A 52 2.78 -5.05 4.02
N ILE A 53 3.41 -4.38 4.95
CA ILE A 53 2.67 -3.73 6.07
C ILE A 53 1.98 -2.43 5.57
N SER A 54 0.67 -2.48 5.35
CA SER A 54 -0.15 -1.34 4.83
C SER A 54 -0.39 -0.27 5.90
N SER A 55 -0.21 -0.58 7.17
CA SER A 55 -0.22 0.40 8.28
C SER A 55 1.09 1.19 8.28
N ALA A 56 1.07 2.33 8.96
CA ALA A 56 2.23 3.20 9.23
C ALA A 56 2.67 2.94 10.66
N PRO A 57 3.99 2.94 10.94
CA PRO A 57 4.49 2.50 12.24
C PRO A 57 4.07 3.42 13.38
N GLU A 58 3.48 4.57 13.05
CA GLU A 58 2.93 5.52 14.06
C GLU A 58 1.63 4.97 14.65
N MET A 59 0.93 4.05 13.99
CA MET A 59 -0.23 3.29 14.56
C MET A 59 0.35 2.31 15.60
N PRO A 60 -0.06 2.38 16.89
CA PRO A 60 0.77 1.81 17.95
C PRO A 60 0.58 0.34 18.43
N ASP A 61 -0.53 -0.36 18.16
CA ASP A 61 -0.65 -1.73 18.78
C ASP A 61 -0.99 -2.80 17.75
N VAL A 62 -1.31 -2.38 16.53
CA VAL A 62 -1.59 -3.35 15.45
C VAL A 62 -0.85 -2.89 14.20
N LEU A 63 -0.50 -3.87 13.39
CA LEU A 63 -0.04 -3.74 12.00
C LEU A 63 -1.25 -4.12 11.20
N THR A 64 -1.28 -3.63 9.96
CA THR A 64 -2.28 -4.01 8.95
C THR A 64 -1.60 -4.71 7.77
N LEU A 65 -2.28 -5.69 7.20
CA LEU A 65 -1.96 -6.31 5.92
C LEU A 65 -3.23 -6.31 5.08
N HIS A 66 -3.11 -5.95 3.81
CA HIS A 66 -4.19 -6.07 2.83
C HIS A 66 -3.79 -7.16 1.87
N ILE A 67 -4.48 -8.28 1.95
CA ILE A 67 -4.16 -9.53 1.24
C ILE A 67 -5.28 -9.84 0.29
N ARG A 68 -4.97 -9.93 -0.99
CA ARG A 68 -5.91 -10.35 -2.04
C ARG A 68 -5.82 -11.88 -2.27
N ALA A 69 -6.98 -12.54 -2.29
CA ALA A 69 -7.19 -13.95 -2.63
C ALA A 69 -6.90 -14.15 -4.10
N VAL A 70 -5.73 -14.69 -4.44
CA VAL A 70 -5.28 -14.92 -5.85
C VAL A 70 -4.94 -16.39 -6.10
N GLY A 71 -4.75 -17.21 -5.07
CA GLY A 71 -4.54 -18.65 -5.28
C GLY A 71 -4.64 -19.45 -4.00
N SER A 72 -3.84 -20.50 -3.92
CA SER A 72 -3.99 -21.55 -2.91
C SER A 72 -4.04 -20.91 -1.52
N TRP A 73 -2.94 -20.35 -1.02
CA TRP A 73 -2.80 -19.97 0.40
C TRP A 73 -3.67 -18.75 0.75
N THR A 74 -3.66 -17.70 -0.07
CA THR A 74 -4.52 -16.49 0.14
C THR A 74 -6.01 -16.90 0.05
N GLY A 75 -6.38 -17.73 -0.93
CA GLY A 75 -7.75 -18.28 -1.02
C GLY A 75 -8.17 -18.94 0.29
N LYS A 76 -7.31 -19.81 0.84
CA LYS A 76 -7.65 -20.58 2.04
C LYS A 76 -7.78 -19.61 3.21
N LEU A 77 -6.88 -18.63 3.33
CA LEU A 77 -6.94 -17.65 4.45
C LEU A 77 -8.20 -16.78 4.35
N TYR A 78 -8.58 -16.38 3.13
CA TYR A 78 -9.85 -15.67 2.86
C TYR A 78 -11.03 -16.51 3.40
N GLN A 79 -11.15 -17.75 2.91
CA GLN A 79 -12.24 -18.68 3.27
C GLN A 79 -12.27 -18.91 4.79
N LEU A 80 -11.12 -19.16 5.42
CA LEU A 80 -11.04 -19.32 6.89
C LEU A 80 -11.57 -18.05 7.57
N ILE A 81 -11.23 -16.86 7.10
CA ILE A 81 -11.60 -15.61 7.84
C ILE A 81 -13.08 -15.31 7.60
N ARG A 82 -13.56 -15.48 6.37
CA ARG A 82 -14.99 -15.41 6.00
C ARG A 82 -15.77 -16.32 6.97
N GLU A 83 -15.46 -17.61 7.02
CA GLU A 83 -16.26 -18.60 7.80
C GLU A 83 -16.23 -18.23 9.28
N GLN A 84 -15.07 -17.86 9.81
CA GLN A 84 -14.98 -17.53 11.26
C GLN A 84 -15.92 -16.37 11.52
N ARG A 85 -16.08 -15.48 10.55
CA ARG A 85 -16.79 -14.20 10.73
C ARG A 85 -18.29 -14.43 10.55
N GLU A 86 -18.72 -15.13 9.50
CA GLU A 86 -20.08 -15.72 9.40
C GLU A 86 -20.43 -16.47 10.71
N GLU A 87 -19.67 -17.48 11.17
CA GLU A 87 -20.04 -18.19 12.41
C GLU A 87 -20.33 -17.19 13.54
N TRP A 88 -19.55 -16.12 13.69
CA TRP A 88 -19.82 -15.08 14.72
C TRP A 88 -21.17 -14.35 14.42
N ILE A 89 -21.49 -13.98 13.17
CA ILE A 89 -22.83 -13.35 12.91
C ILE A 89 -23.88 -14.27 13.53
N ARG A 90 -23.83 -15.57 13.30
CA ARG A 90 -24.86 -16.47 13.80
C ARG A 90 -24.82 -16.73 15.28
N SER A 91 -23.64 -16.88 15.85
CA SER A 91 -23.52 -17.10 17.27
C SER A 91 -22.94 -15.85 17.82
N GLY A 92 -21.62 -15.74 17.83
CA GLY A 92 -20.95 -14.52 18.25
C GLY A 92 -21.50 -13.69 19.36
N SER A 93 -21.42 -14.23 20.57
CA SER A 93 -21.98 -13.55 21.70
C SER A 93 -21.16 -13.76 22.95
N SER A 94 -21.15 -14.97 23.48
CA SER A 94 -20.46 -15.26 24.75
C SER A 94 -19.10 -14.64 24.93
N GLN A 95 -18.14 -15.01 24.10
CA GLN A 95 -16.82 -14.42 24.18
C GLN A 95 -16.62 -13.45 23.03
N SER A 96 -15.44 -12.86 22.94
CA SER A 96 -15.15 -11.96 21.85
C SER A 96 -14.62 -12.76 20.68
N LEU A 97 -14.29 -12.09 19.58
CA LEU A 97 -13.75 -12.78 18.41
C LEU A 97 -12.51 -13.65 18.79
N PRO A 98 -12.54 -15.02 18.57
CA PRO A 98 -11.35 -15.81 18.90
C PRO A 98 -9.99 -15.22 18.59
N GLY A 99 -9.65 -15.06 17.33
CA GLY A 99 -8.33 -14.59 17.02
C GLY A 99 -7.49 -15.66 16.37
N VAL A 100 -7.07 -15.44 15.13
CA VAL A 100 -6.33 -16.50 14.38
C VAL A 100 -4.83 -16.44 14.67
N PRO A 101 -4.21 -17.52 15.19
CA PRO A 101 -2.78 -17.53 15.50
C PRO A 101 -1.94 -17.51 14.21
N VAL A 102 -0.92 -16.65 14.19
CA VAL A 102 0.01 -16.55 13.03
C VAL A 102 1.42 -16.31 13.56
N TYR A 103 2.42 -16.59 12.75
CA TYR A 103 3.82 -16.15 13.05
C TYR A 103 4.23 -15.06 12.03
N ILE A 104 4.98 -14.04 12.49
CA ILE A 104 5.54 -12.99 11.61
C ILE A 104 7.06 -12.96 11.71
N ASP A 105 7.71 -12.74 10.56
CA ASP A 105 9.17 -12.62 10.42
C ASP A 105 9.37 -11.32 9.68
N GLY A 106 10.06 -10.38 10.31
CA GLY A 106 10.41 -9.12 9.66
C GLY A 106 10.85 -8.10 10.70
N PRO A 107 10.86 -6.80 10.34
CA PRO A 107 10.54 -6.33 8.98
C PRO A 107 11.69 -6.50 7.96
N TYR A 108 11.36 -6.67 6.68
CA TYR A 108 12.27 -6.57 5.51
C TYR A 108 12.03 -5.21 4.80
N GLY A 109 13.10 -4.58 4.34
CA GLY A 109 13.12 -3.24 3.74
C GLY A 109 12.90 -3.30 2.24
N THR A 110 12.53 -2.17 1.65
CA THR A 110 12.38 -1.97 0.20
C THR A 110 12.97 -0.60 -0.06
N PRO A 111 13.48 -0.36 -1.27
CA PRO A 111 14.01 0.97 -1.62
C PRO A 111 12.94 2.08 -1.58
N SER A 112 11.64 1.78 -1.63
CA SER A 112 10.54 2.77 -1.51
C SER A 112 10.71 3.64 -0.25
N THR A 113 11.34 3.14 0.80
CA THR A 113 11.48 3.96 2.01
C THR A 113 12.32 5.21 1.71
N HIS A 114 13.10 5.21 0.63
CA HIS A 114 14.00 6.34 0.26
C HIS A 114 13.17 7.55 -0.17
N ILE A 115 11.87 7.36 -0.39
CA ILE A 115 10.94 8.50 -0.70
C ILE A 115 11.14 9.60 0.35
N PHE A 116 11.31 9.28 1.64
CA PHE A 116 11.37 10.32 2.70
C PHE A 116 12.60 11.21 2.52
N GLU A 117 13.61 10.75 1.79
CA GLU A 117 14.85 11.51 1.55
C GLU A 117 14.87 12.06 0.12
N SER A 118 13.81 11.93 -0.67
CA SER A 118 13.77 12.47 -2.05
C SER A 118 13.13 13.86 -2.02
N LYS A 119 13.48 14.73 -2.96
CA LYS A 119 12.80 16.04 -3.16
C LYS A 119 11.44 15.77 -3.88
N TYR A 120 11.49 15.06 -5.00
CA TYR A 120 10.39 14.86 -5.96
C TYR A 120 10.25 13.36 -6.21
N ALA A 121 9.03 12.83 -6.08
CA ALA A 121 8.77 11.39 -6.25
C ALA A 121 7.54 11.17 -7.12
N ILE A 122 7.64 10.21 -8.04
CA ILE A 122 6.50 9.50 -8.70
C ILE A 122 6.30 8.13 -8.04
N LEU A 123 5.10 7.87 -7.54
CA LEU A 123 4.64 6.57 -7.01
C LEU A 123 3.65 6.02 -8.01
N ILE A 124 3.99 4.91 -8.65
CA ILE A 124 3.11 4.19 -9.60
C ILE A 124 2.81 2.81 -9.02
N CYS A 125 1.54 2.47 -8.91
CA CYS A 125 1.05 1.15 -8.46
C CYS A 125 -0.19 0.68 -9.23
N ALA A 126 -0.32 -0.64 -9.35
CA ALA A 126 -1.46 -1.37 -9.95
C ALA A 126 -2.05 -2.30 -8.91
N GLY A 127 -3.37 -2.31 -8.78
CA GLY A 127 -4.10 -3.21 -7.88
C GLY A 127 -3.55 -3.12 -6.48
N ILE A 128 -3.28 -4.27 -5.86
CA ILE A 128 -2.94 -4.37 -4.40
C ILE A 128 -1.48 -3.87 -4.19
N GLY A 129 -0.78 -3.66 -5.31
CA GLY A 129 0.51 -2.92 -5.40
C GLY A 129 0.53 -1.58 -4.69
N VAL A 130 -0.63 -1.00 -4.42
CA VAL A 130 -0.75 0.25 -3.63
C VAL A 130 -0.27 0.11 -2.19
N THR A 131 -0.21 -1.07 -1.62
CA THR A 131 -0.10 -1.22 -0.15
C THR A 131 1.14 -0.53 0.40
N PRO A 132 2.34 -0.62 -0.20
CA PRO A 132 3.49 0.02 0.43
C PRO A 132 3.28 1.55 0.36
N PHE A 133 2.64 2.03 -0.70
CA PHE A 133 2.41 3.48 -0.88
C PHE A 133 1.30 3.94 0.08
N ALA A 134 0.33 3.07 0.40
CA ALA A 134 -0.64 3.36 1.49
C ALA A 134 0.13 3.59 2.80
N SER A 135 1.11 2.76 3.13
CA SER A 135 1.83 2.93 4.40
C SER A 135 2.54 4.29 4.37
N ILE A 136 3.16 4.57 3.22
CA ILE A 136 4.08 5.74 3.08
C ILE A 136 3.25 7.04 3.10
N LEU A 137 2.14 7.11 2.38
CA LEU A 137 1.22 8.29 2.40
C LEU A 137 0.77 8.56 3.85
N LYS A 138 0.24 7.58 4.57
CA LYS A 138 -0.18 7.81 5.99
C LYS A 138 0.98 8.36 6.82
N SER A 139 2.17 7.83 6.62
CA SER A 139 3.35 8.22 7.42
C SER A 139 3.69 9.68 7.13
N ILE A 140 3.60 10.10 5.86
CA ILE A 140 3.81 11.52 5.47
C ILE A 140 2.80 12.43 6.20
N LEU A 141 1.53 12.04 6.28
CA LEU A 141 0.49 12.78 7.06
C LEU A 141 0.87 12.91 8.54
N HIS A 142 1.36 11.86 9.21
CA HIS A 142 1.78 11.92 10.64
C HIS A 142 3.00 12.85 10.75
N ARG A 143 3.97 12.70 9.85
CA ARG A 143 5.25 13.45 9.88
C ARG A 143 5.05 14.94 9.60
N ASN A 144 3.92 15.32 8.96
CA ASN A 144 3.63 16.73 8.58
C ASN A 144 2.94 17.46 9.73
N GLN A 145 1.98 16.82 10.41
CA GLN A 145 1.26 17.48 11.53
C GLN A 145 2.27 17.67 12.68
N GLN A 146 3.40 16.95 12.67
CA GLN A 146 4.40 16.97 13.77
C GLN A 146 5.69 17.72 13.40
N ASN A 147 6.08 17.80 12.12
CA ASN A 147 7.45 18.27 11.76
C ASN A 147 7.56 18.60 10.27
N PRO A 148 6.82 19.61 9.76
CA PRO A 148 6.82 19.90 8.32
C PRO A 148 8.21 20.31 7.80
N ALA A 149 8.98 21.03 8.62
CA ALA A 149 10.37 21.48 8.30
C ALA A 149 11.27 20.26 8.09
N LYS A 150 11.22 19.28 9.01
CA LYS A 150 12.17 18.14 9.12
C LYS A 150 12.21 17.31 7.82
N MET A 151 11.27 17.49 6.88
CA MET A 151 11.14 16.61 5.69
C MET A 151 11.49 17.32 4.39
N PRO A 152 12.34 16.71 3.54
CA PRO A 152 12.76 17.28 2.27
C PRO A 152 11.93 16.90 1.04
N LEU A 153 10.91 16.07 1.27
CA LEU A 153 9.96 15.67 0.20
C LEU A 153 9.11 16.91 -0.14
N LYS A 154 9.22 17.40 -1.36
CA LYS A 154 8.59 18.67 -1.79
C LYS A 154 7.38 18.32 -2.66
N LYS A 155 7.39 17.21 -3.41
CA LYS A 155 6.20 16.86 -4.25
C LYS A 155 6.08 15.35 -4.45
N VAL A 156 4.85 14.85 -4.39
CA VAL A 156 4.49 13.41 -4.58
C VAL A 156 3.43 13.28 -5.66
N HIS A 157 3.82 12.70 -6.80
CA HIS A 157 2.96 12.36 -7.95
C HIS A 157 2.52 10.89 -7.78
N PHE A 158 1.24 10.66 -7.52
CA PHE A 158 0.65 9.34 -7.19
C PHE A 158 -0.21 8.85 -8.35
N TYR A 159 0.10 7.67 -8.88
CA TYR A 159 -0.64 6.99 -9.98
C TYR A 159 -1.03 5.60 -9.49
N TRP A 160 -2.33 5.35 -9.43
CA TRP A 160 -2.89 4.06 -8.98
C TRP A 160 -3.86 3.59 -10.04
N LEU A 161 -3.50 2.51 -10.73
CA LEU A 161 -4.31 1.82 -11.76
C LEU A 161 -5.07 0.64 -11.13
N ASN A 162 -6.25 0.33 -11.65
CA ASN A 162 -7.18 -0.76 -11.24
C ASN A 162 -8.03 -1.19 -12.43
N ARG A 163 -8.14 -2.50 -12.66
CA ARG A 163 -9.09 -3.13 -13.61
C ARG A 163 -10.55 -2.94 -13.15
N GLU A 164 -10.78 -2.81 -11.85
CA GLU A 164 -12.10 -2.85 -11.17
C GLU A 164 -12.28 -1.62 -10.27
N GLN A 165 -13.32 -0.82 -10.55
CA GLN A 165 -13.68 0.42 -9.83
C GLN A 165 -13.72 0.16 -8.31
N LYS A 166 -14.30 -0.96 -7.88
CA LYS A 166 -14.61 -1.21 -6.45
C LYS A 166 -13.29 -1.30 -5.67
N ALA A 167 -12.18 -1.66 -6.32
CA ALA A 167 -10.83 -1.76 -5.71
C ALA A 167 -10.38 -0.44 -5.08
N PHE A 168 -10.85 0.72 -5.56
CA PHE A 168 -10.43 2.04 -5.03
C PHE A 168 -10.91 2.17 -3.60
N GLU A 169 -11.98 1.45 -3.24
CA GLU A 169 -12.52 1.47 -1.85
C GLU A 169 -11.52 1.03 -0.80
N TRP A 170 -10.51 0.20 -1.14
CA TRP A 170 -9.52 -0.28 -0.15
C TRP A 170 -8.94 0.91 0.58
N PHE A 171 -8.71 2.03 -0.11
CA PHE A 171 -8.03 3.20 0.49
C PHE A 171 -8.70 4.55 0.14
N VAL A 172 -9.93 4.54 -0.36
CA VAL A 172 -10.69 5.80 -0.63
C VAL A 172 -10.72 6.72 0.63
N GLU A 173 -10.86 6.21 1.85
CA GLU A 173 -10.85 7.08 3.08
C GLU A 173 -9.55 7.86 3.12
N LEU A 174 -8.43 7.15 3.13
CA LEU A 174 -7.06 7.72 3.18
C LEU A 174 -6.86 8.75 2.08
N LEU A 175 -7.33 8.45 0.86
CA LEU A 175 -7.26 9.40 -0.28
C LEU A 175 -8.13 10.65 -0.01
N SER A 176 -9.32 10.49 0.57
CA SER A 176 -10.23 11.58 1.04
C SER A 176 -9.47 12.47 2.01
N LYS A 177 -8.87 11.86 3.02
CA LYS A 177 -8.19 12.59 4.11
C LYS A 177 -7.05 13.42 3.49
N ILE A 178 -6.31 12.86 2.52
CA ILE A 178 -5.21 13.60 1.84
C ILE A 178 -5.80 14.80 1.08
N GLU A 179 -6.90 14.61 0.32
CA GLU A 179 -7.62 15.74 -0.35
C GLU A 179 -8.02 16.78 0.72
N ALA A 180 -8.58 16.37 1.84
CA ALA A 180 -8.93 17.25 2.98
C ALA A 180 -7.69 18.04 3.45
N GLU A 181 -6.70 17.37 4.03
CA GLU A 181 -5.54 17.97 4.76
C GLU A 181 -4.39 18.49 3.85
N ASP A 182 -4.41 18.30 2.53
CA ASP A 182 -3.25 18.69 1.67
C ASP A 182 -3.48 20.10 1.13
N THR A 183 -3.46 21.09 2.02
CA THR A 183 -3.70 22.51 1.66
C THR A 183 -2.48 23.00 0.88
N ASN A 184 -1.30 22.52 1.26
CA ASN A 184 -0.02 22.97 0.65
C ASN A 184 0.27 22.20 -0.66
N ASN A 185 -0.62 21.31 -1.11
CA ASN A 185 -0.51 20.61 -2.42
C ASN A 185 0.83 19.81 -2.53
N LEU A 186 1.27 19.18 -1.45
CA LEU A 186 2.34 18.15 -1.50
C LEU A 186 1.98 17.05 -2.52
N PHE A 187 0.71 16.66 -2.59
CA PHE A 187 0.23 15.53 -3.42
C PHE A 187 -0.51 16.02 -4.65
N ASP A 188 -0.33 15.22 -5.70
CA ASP A 188 -1.08 15.16 -6.96
C ASP A 188 -1.53 13.69 -7.12
N LEU A 189 -2.79 13.39 -6.81
CA LEU A 189 -3.39 12.03 -6.86
C LEU A 189 -4.03 11.77 -8.23
N ASN A 190 -3.83 10.59 -8.79
CA ASN A 190 -4.27 10.18 -10.14
C ASN A 190 -4.70 8.71 -10.08
N LEU A 191 -5.98 8.45 -10.29
CA LEU A 191 -6.61 7.12 -10.22
C LEU A 191 -7.03 6.80 -11.64
N TYR A 192 -6.65 5.65 -12.16
CA TYR A 192 -6.99 5.20 -13.54
C TYR A 192 -7.74 3.87 -13.42
N LEU A 193 -8.89 3.75 -14.11
CA LEU A 193 -9.64 2.49 -14.37
C LEU A 193 -9.28 2.01 -15.77
N THR A 194 -8.83 0.75 -15.97
CA THR A 194 -8.04 0.29 -17.16
C THR A 194 -8.75 -0.75 -18.04
N LEU A 222 -16.49 13.10 -8.12
CA LEU A 222 -15.69 12.31 -9.10
C LEU A 222 -16.25 10.89 -9.14
N ILE A 223 -15.52 9.98 -9.81
CA ILE A 223 -15.97 8.56 -10.00
C ILE A 223 -15.72 7.76 -8.70
N THR A 224 -14.71 8.14 -7.90
CA THR A 224 -14.43 7.63 -6.53
C THR A 224 -15.35 8.33 -5.50
N GLY A 225 -16.26 9.19 -5.97
CA GLY A 225 -16.79 10.33 -5.19
C GLY A 225 -15.68 11.11 -4.48
N LEU A 226 -14.53 11.35 -5.14
CA LEU A 226 -13.43 12.23 -4.66
C LEU A 226 -13.43 13.53 -5.49
N LYS A 227 -12.73 14.56 -5.04
CA LYS A 227 -12.46 15.79 -5.84
C LYS A 227 -11.49 15.45 -6.98
N SER A 228 -10.89 14.26 -6.95
CA SER A 228 -10.02 13.71 -8.02
C SER A 228 -10.88 12.98 -9.06
N ARG A 229 -10.93 13.49 -10.29
CA ARG A 229 -11.62 12.80 -11.40
C ARG A 229 -10.81 11.52 -11.67
N THR A 230 -11.39 10.39 -11.35
CA THR A 230 -10.99 9.07 -11.88
C THR A 230 -10.86 9.11 -13.42
N LYS A 231 -9.66 8.87 -13.93
CA LYS A 231 -9.32 8.79 -15.36
C LYS A 231 -9.58 7.37 -15.87
N THR A 232 -9.60 7.15 -17.18
CA THR A 232 -9.89 5.83 -17.82
C THR A 232 -8.81 5.48 -18.86
N GLY A 233 -8.59 4.18 -19.08
CA GLY A 233 -7.59 3.63 -20.00
C GLY A 233 -6.21 3.59 -19.37
N ARG A 234 -5.24 3.05 -20.11
CA ARG A 234 -3.79 3.06 -19.79
C ARG A 234 -3.37 4.54 -19.71
N PRO A 235 -2.69 5.02 -18.65
CA PRO A 235 -2.14 6.37 -18.67
C PRO A 235 -1.17 6.55 -19.86
N ASP A 236 -1.03 7.78 -20.34
CA ASP A 236 0.03 8.17 -21.29
C ASP A 236 1.28 8.49 -20.45
N TRP A 237 2.09 7.47 -20.20
CA TRP A 237 3.32 7.56 -19.36
C TRP A 237 4.33 8.51 -19.98
N GLU A 238 4.51 8.49 -21.31
CA GLU A 238 5.44 9.44 -21.99
C GLU A 238 5.06 10.88 -21.61
N GLU A 239 3.79 11.22 -21.72
CA GLU A 239 3.27 12.59 -21.49
C GLU A 239 3.40 12.94 -20.00
N ILE A 240 3.06 12.00 -19.13
CA ILE A 240 3.19 12.22 -17.66
C ILE A 240 4.67 12.49 -17.30
N PHE A 241 5.61 11.71 -17.83
CA PHE A 241 7.04 11.83 -17.47
C PHE A 241 7.59 13.15 -17.98
N LYS A 242 7.23 13.50 -19.22
CA LYS A 242 7.58 14.81 -19.84
C LYS A 242 7.12 15.94 -18.91
N ASP A 243 5.86 15.87 -18.49
CA ASP A 243 5.31 16.93 -17.64
C ASP A 243 6.12 16.99 -16.34
N VAL A 244 6.31 15.86 -15.68
CA VAL A 244 6.98 15.83 -14.34
C VAL A 244 8.43 16.34 -14.48
N ALA A 245 9.10 15.99 -15.58
CA ALA A 245 10.45 16.49 -15.90
C ALA A 245 10.47 18.03 -16.02
N LYS A 246 9.55 18.63 -16.80
CA LYS A 246 9.41 20.12 -16.91
C LYS A 246 9.17 20.71 -15.52
N GLN A 247 8.29 20.13 -14.71
CA GLN A 247 8.03 20.73 -13.38
C GLN A 247 9.31 20.76 -12.52
N HIS A 248 10.21 19.77 -12.60
CA HIS A 248 11.24 19.61 -11.54
C HIS A 248 12.67 19.82 -12.07
N ALA A 249 12.91 19.93 -13.39
CA ALA A 249 14.28 20.15 -13.92
C ALA A 249 14.89 21.43 -13.33
N PRO A 250 16.21 21.51 -13.08
CA PRO A 250 17.15 20.42 -13.38
C PRO A 250 17.30 19.39 -12.25
N ASP A 251 16.41 19.40 -11.27
CA ASP A 251 16.55 18.49 -10.11
C ASP A 251 16.22 17.03 -10.48
N ASN A 252 16.70 16.15 -9.60
CA ASN A 252 16.50 14.68 -9.59
C ASN A 252 15.04 14.37 -9.23
N VAL A 253 14.44 13.47 -10.00
CA VAL A 253 13.15 12.83 -9.70
C VAL A 253 13.37 11.34 -9.49
N GLU A 254 12.79 10.82 -8.41
CA GLU A 254 12.81 9.36 -8.08
C GLU A 254 11.47 8.74 -8.47
N VAL A 255 11.50 7.73 -9.34
CA VAL A 255 10.33 6.85 -9.65
C VAL A 255 10.36 5.61 -8.75
N PHE A 256 9.26 5.34 -8.07
CA PHE A 256 8.99 4.15 -7.25
C PHE A 256 7.76 3.45 -7.83
N PHE A 257 7.91 2.15 -8.05
CA PHE A 257 6.97 1.33 -8.83
C PHE A 257 6.64 0.10 -8.02
N CYS A 258 5.37 -0.22 -7.88
CA CYS A 258 4.93 -1.53 -7.39
C CYS A 258 3.81 -2.04 -8.30
N GLY A 259 4.15 -2.95 -9.22
CA GLY A 259 3.17 -3.52 -10.15
C GLY A 259 3.79 -4.45 -11.17
N PRO A 260 3.06 -4.76 -12.26
CA PRO A 260 3.49 -5.79 -13.20
C PRO A 260 4.68 -5.39 -14.07
N THR A 261 5.37 -6.41 -14.55
CA THR A 261 6.71 -6.34 -15.19
C THR A 261 6.62 -5.66 -16.55
N GLY A 262 5.57 -5.94 -17.35
CA GLY A 262 5.31 -5.26 -18.65
C GLY A 262 5.28 -3.74 -18.52
N LEU A 263 4.69 -3.24 -17.44
CA LEU A 263 4.68 -1.80 -17.13
C LEU A 263 6.10 -1.37 -16.74
N ALA A 264 6.76 -2.11 -15.85
CA ALA A 264 8.15 -1.83 -15.39
C ALA A 264 9.08 -1.57 -16.58
N LEU A 265 9.04 -2.40 -17.63
CA LEU A 265 9.95 -2.24 -18.81
C LEU A 265 9.77 -0.85 -19.40
N GLN A 266 8.52 -0.48 -19.59
CA GLN A 266 8.10 0.82 -20.17
C GLN A 266 8.59 1.94 -19.25
N LEU A 267 8.31 1.82 -17.95
CA LEU A 267 8.70 2.87 -16.97
C LEU A 267 10.22 3.04 -16.95
N ARG A 268 10.94 1.93 -17.07
CA ARG A 268 12.42 1.92 -17.02
C ARG A 268 12.97 2.66 -18.25
N HIS A 269 12.48 2.33 -19.44
CA HIS A 269 12.87 3.10 -20.65
C HIS A 269 12.63 4.60 -20.42
N LEU A 270 11.45 4.99 -19.94
CA LEU A 270 11.10 6.41 -19.76
C LEU A 270 12.01 7.03 -18.70
N CYS A 271 12.37 6.30 -17.65
CA CYS A 271 13.26 6.86 -16.59
C CYS A 271 14.61 7.26 -17.19
N THR A 272 15.10 6.48 -18.15
CA THR A 272 16.41 6.72 -18.82
C THR A 272 16.27 7.93 -19.73
N LYS A 273 15.19 7.97 -20.51
CA LYS A 273 14.89 9.07 -21.44
C LYS A 273 14.86 10.42 -20.69
N TYR A 274 14.21 10.51 -19.54
CA TYR A 274 14.04 11.82 -18.85
C TYR A 274 14.99 11.99 -17.66
N GLY A 275 15.91 11.06 -17.41
CA GLY A 275 16.87 11.18 -16.29
C GLY A 275 16.25 10.99 -14.92
N PHE A 276 15.33 10.04 -14.77
CA PHE A 276 14.71 9.80 -13.44
C PHE A 276 15.39 8.59 -12.80
N GLY A 277 15.46 8.57 -11.49
CA GLY A 277 15.80 7.44 -10.63
C GLY A 277 14.85 6.27 -10.79
N TYR A 278 15.42 5.11 -11.11
CA TYR A 278 14.76 3.78 -11.18
C TYR A 278 15.58 2.78 -10.33
N ARG A 279 14.87 1.91 -9.63
CA ARG A 279 15.38 0.69 -8.97
C ARG A 279 14.79 -0.49 -9.75
N LYS A 280 15.60 -1.42 -10.21
CA LYS A 280 15.10 -2.68 -10.80
C LYS A 280 14.54 -3.51 -9.65
N GLU A 281 13.22 -3.70 -9.64
CA GLU A 281 12.48 -4.54 -8.65
C GLU A 281 11.55 -5.53 -9.38
N ASN A 282 11.66 -5.68 -10.70
CA ASN A 282 10.78 -6.54 -11.53
C ASN A 282 11.69 -7.32 -12.47
N PHE A 283 11.53 -8.64 -12.50
CA PHE A 283 12.41 -9.60 -13.23
C PHE A 283 11.55 -10.43 -14.20
PA FAD B . -0.56 -19.00 -5.76
O1A FAD B . 0.92 -18.97 -5.64
O2A FAD B . -1.39 -20.24 -5.69
O5B FAD B . -0.90 -18.26 -7.13
C5B FAD B . -0.28 -16.99 -7.48
C4B FAD B . -0.59 -16.67 -8.92
O4B FAD B . 0.18 -17.55 -9.80
C3B FAD B . -2.04 -16.86 -9.36
O3B FAD B . -2.37 -15.91 -10.37
C2B FAD B . -2.03 -18.31 -9.86
O2B FAD B . -3.01 -18.62 -10.82
C1B FAD B . -0.68 -18.36 -10.54
N9A FAD B . -0.16 -19.70 -10.61
C8A FAD B . -0.09 -20.65 -9.61
N7A FAD B . 0.43 -21.78 -10.03
C5A FAD B . 0.71 -21.56 -11.37
C6A FAD B . 1.27 -22.37 -12.37
N6A FAD B . 1.64 -23.62 -12.16
N1A FAD B . 1.42 -21.83 -13.62
C2A FAD B . 1.04 -20.57 -13.82
N3A FAD B . 0.49 -19.71 -12.95
C4A FAD B . 0.36 -20.27 -11.74
N1 FAD B . 0.00 -9.60 -1.94
C2 FAD B . -1.01 -8.92 -1.41
O2 FAD B . -2.14 -9.30 -1.61
N3 FAD B . -0.84 -7.81 -0.62
C4 FAD B . 0.40 -7.30 -0.35
O4 FAD B . 0.52 -6.31 0.34
C4X FAD B . 1.50 -8.03 -0.86
N5 FAD B . 2.68 -7.58 -0.59
C5X FAD B . 3.72 -8.31 -1.09
C6 FAD B . 5.01 -7.85 -0.77
C7 FAD B . 6.14 -8.48 -1.20
C7M FAD B . 7.49 -7.92 -0.82
C8 FAD B . 6.01 -9.63 -1.98
C8M FAD B . 7.25 -10.32 -2.49
C9 FAD B . 4.74 -10.10 -2.34
C9A FAD B . 3.56 -9.46 -1.90
N10 FAD B . 2.25 -9.92 -2.19
C10 FAD B . 1.21 -9.21 -1.66
C1' FAD B . 1.95 -11.22 -2.92
C2' FAD B . 1.90 -12.48 -1.92
O2' FAD B . 3.16 -12.47 -1.20
C3' FAD B . 1.53 -13.99 -2.12
O3' FAD B . 2.39 -15.21 -2.19
C4' FAD B . 0.81 -14.25 -3.39
O4' FAD B . 0.38 -12.92 -3.63
C5' FAD B . -0.20 -15.35 -3.14
O5' FAD B . 0.23 -16.74 -2.86
P FAD B . -0.90 -17.93 -3.05
O1P FAD B . -0.45 -19.24 -2.59
O2P FAD B . -2.21 -17.45 -2.50
O3P FAD B . -1.11 -18.02 -4.62
S DMS C . 1.97 -6.25 -9.02
O DMS C . 0.70 -6.25 -8.14
C1 DMS C . 2.18 -7.85 -9.82
C2 DMS C . 3.38 -6.29 -7.92
CAM U45 D . 2.61 -9.27 -5.98
CAL U45 D . 3.18 -10.28 -6.79
CAT U45 D . 4.60 -10.30 -6.90
CAJ U45 D . 5.41 -9.35 -6.18
CAS U45 D . 4.79 -8.43 -5.40
CAN U45 D . 3.43 -8.39 -5.31
CAO U45 D . 3.12 -7.37 -4.48
CAP U45 D . 1.91 -6.94 -4.07
CAQ U45 D . 1.81 -5.83 -3.20
CAU U45 D . 3.01 -5.24 -2.77
CAV U45 D . 4.26 -5.74 -3.24
CBC U45 D . 4.28 -6.78 -4.08
NAR U45 D . 5.31 -7.44 -4.63
CAK U45 D . 6.76 -7.18 -4.56
CAH U45 D . 7.19 -6.67 -6.04
OAI U45 D . 7.00 -5.25 -5.86
CAD U45 D . 8.62 -6.94 -6.72
NAG U45 D . 9.36 -7.55 -5.60
NAF U45 D . 9.69 -6.75 -4.72
CBD U45 D . 9.52 -8.90 -5.57
OBE U45 D . 9.17 -9.68 -6.49
CAW U45 D . 10.10 -9.44 -4.44
CAX U45 D . 10.24 -10.85 -4.38
CAY U45 D . 10.82 -11.43 -3.27
CAZ U45 D . 11.21 -10.57 -2.24
CBA U45 D . 11.08 -9.17 -2.33
CBB U45 D . 10.50 -8.58 -3.44
CAE U45 D . 10.28 -7.20 -3.60
CAB U45 D . 10.69 -6.19 -2.75
OAC U45 D . 10.89 -6.43 -1.57
NAA U45 D . 11.12 -5.02 -3.36
#